data_3A1T
#
_entry.id   3A1T
#
_cell.length_a   65.152
_cell.length_b   65.152
_cell.length_c   104.798
_cell.angle_alpha   90.00
_cell.angle_beta   90.00
_cell.angle_gamma   120.00
#
_symmetry.space_group_name_H-M   'P 31 2 1'
#
loop_
_entity.id
_entity.type
_entity.pdbx_description
1 polymer 'Iron(II) transport protein B'
2 non-polymer "GUANOSINE-5'-DIPHOSPHATE"
3 water water
#
_entity_poly.entity_id   1
_entity_poly.type   'polypeptide(L)'
_entity_poly.pdbx_seq_one_letter_code
;GPLHMVKVALAGCPNVGKTSLFNALTGTKQYVANWPGVTVEKKEGVFTYKGYTINLIDLPGTYSLGYSSIDEKIARDYLL
KGDADLVILVADSVNPEQSLYLLLEILEMEKKVILAMTAIDEAKKTGMKIDRYELQKHLGIPVVFTSSVTGEGLEELKEK
IVEYAQKNTILHRMILDYGEKVESEIKKVENFLRDKKLRINPRYFALKYLSGDPEFYSEGVKLGLPELSEEERIGYRLLI
AKRKREYVENVVKEAFAD
;
_entity_poly.pdbx_strand_id   A
#
loop_
_chem_comp.id
_chem_comp.type
_chem_comp.name
_chem_comp.formula
GDP RNA linking GUANOSINE-5'-DIPHOSPHATE 'C10 H15 N5 O11 P2'
#
# COMPACT_ATOMS: atom_id res chain seq x y z
N HIS A 4 -0.39 -4.54 25.12
CA HIS A 4 -0.37 -3.57 24.02
C HIS A 4 -0.21 -4.28 22.67
N MET A 5 -1.32 -4.43 21.95
CA MET A 5 -1.34 -5.17 20.69
C MET A 5 -1.37 -4.23 19.50
N VAL A 6 -0.62 -4.58 18.44
CA VAL A 6 -0.61 -3.81 17.21
C VAL A 6 -0.90 -4.77 16.06
N LYS A 7 -1.84 -4.40 15.19
CA LYS A 7 -2.22 -5.23 14.06
CA LYS A 7 -2.19 -5.25 14.06
C LYS A 7 -1.58 -4.71 12.79
N VAL A 8 -0.85 -5.58 12.10
CA VAL A 8 -0.11 -5.16 10.92
C VAL A 8 -0.42 -6.07 9.73
N ALA A 9 -0.53 -5.47 8.56
CA ALA A 9 -0.75 -6.26 7.36
C ALA A 9 0.48 -6.14 6.46
N LEU A 10 0.84 -7.25 5.80
CA LEU A 10 1.91 -7.25 4.82
C LEU A 10 1.28 -7.20 3.42
N ALA A 11 1.56 -6.12 2.69
CA ALA A 11 1.09 -5.99 1.30
C ALA A 11 2.27 -6.02 0.35
N GLY A 12 2.03 -6.43 -0.89
CA GLY A 12 3.09 -6.42 -1.88
C GLY A 12 2.73 -7.15 -3.15
N CYS A 13 3.50 -6.89 -4.21
CA CYS A 13 3.35 -7.63 -5.46
C CYS A 13 3.70 -9.09 -5.22
N PRO A 14 3.18 -9.98 -6.07
CA PRO A 14 3.59 -11.39 -6.02
C PRO A 14 5.11 -11.50 -6.20
N ASN A 15 5.71 -12.47 -5.52
CA ASN A 15 7.14 -12.74 -5.70
C ASN A 15 8.10 -11.59 -5.43
N VAL A 16 7.86 -10.84 -4.38
CA VAL A 16 8.80 -9.80 -4.02
C VAL A 16 9.61 -10.23 -2.80
N GLY A 17 9.15 -11.26 -2.11
CA GLY A 17 9.79 -11.71 -0.87
C GLY A 17 8.94 -11.52 0.38
N LYS A 18 7.62 -11.44 0.22
CA LYS A 18 6.72 -11.29 1.36
C LYS A 18 6.74 -12.49 2.30
N THR A 19 6.62 -13.69 1.73
CA THR A 19 6.58 -14.90 2.55
C THR A 19 7.84 -15.02 3.38
N SER A 20 8.98 -14.78 2.74
CA SER A 20 10.27 -14.90 3.43
C SER A 20 10.34 -13.91 4.60
N LEU A 21 9.88 -12.69 4.36
CA LEU A 21 9.93 -11.66 5.38
C LEU A 21 8.95 -12.00 6.51
N PHE A 22 7.76 -12.47 6.13
CA PHE A 22 6.75 -12.95 7.06
C PHE A 22 7.34 -14.02 7.99
N ASN A 23 7.89 -15.08 7.39
CA ASN A 23 8.55 -16.14 8.16
C ASN A 23 9.66 -15.63 9.10
N ALA A 24 10.47 -14.69 8.60
CA ALA A 24 11.61 -14.19 9.37
C ALA A 24 11.13 -13.41 10.59
N LEU A 25 10.04 -12.68 10.41
CA LEU A 25 9.46 -11.86 11.48
CA LEU A 25 9.48 -11.87 11.48
C LEU A 25 8.72 -12.71 12.51
N THR A 26 8.01 -13.73 12.04
CA THR A 26 7.16 -14.50 12.93
C THR A 26 7.74 -15.84 13.40
N GLY A 27 8.72 -16.38 12.68
CA GLY A 27 9.30 -17.67 13.06
C GLY A 27 8.23 -18.75 13.01
N THR A 28 8.20 -19.61 14.03
CA THR A 28 7.22 -20.69 14.08
C THR A 28 5.87 -20.23 14.64
N LYS A 29 5.79 -18.98 15.06
CA LYS A 29 4.57 -18.47 15.68
C LYS A 29 3.63 -17.95 14.60
N GLN A 30 3.21 -18.87 13.74
CA GLN A 30 2.27 -18.51 12.68
C GLN A 30 1.16 -19.57 12.54
N TYR A 31 0.09 -19.23 11.85
CA TYR A 31 -1.10 -20.05 11.90
C TYR A 31 -1.89 -19.96 10.59
N VAL A 32 -2.46 -21.08 10.18
CA VAL A 32 -3.24 -21.14 8.96
C VAL A 32 -4.73 -20.95 9.26
N ALA A 33 -5.44 -20.42 8.28
CA ALA A 33 -6.88 -20.18 8.39
C ALA A 33 -7.38 -19.76 7.02
N ASN A 34 -8.68 -19.63 6.85
CA ASN A 34 -9.20 -19.10 5.61
C ASN A 34 -9.79 -17.71 5.76
N TRP A 35 -9.65 -16.93 4.69
CA TRP A 35 -10.34 -15.66 4.59
C TRP A 35 -11.81 -15.99 4.50
N PRO A 36 -12.68 -15.10 5.01
CA PRO A 36 -14.12 -15.39 5.01
C PRO A 36 -14.67 -15.55 3.60
N GLY A 37 -15.46 -16.59 3.38
CA GLY A 37 -16.17 -16.74 2.11
C GLY A 37 -15.37 -17.24 0.91
N VAL A 38 -14.07 -17.47 1.11
CA VAL A 38 -13.22 -18.00 0.03
C VAL A 38 -12.34 -19.14 0.55
N THR A 39 -11.70 -19.87 -0.37
CA THR A 39 -10.77 -20.94 0.04
C THR A 39 -9.32 -20.46 0.13
N VAL A 40 -9.07 -19.23 -0.28
CA VAL A 40 -7.73 -18.64 -0.19
C VAL A 40 -7.20 -18.64 1.25
N GLU A 41 -6.01 -19.22 1.43
CA GLU A 41 -5.40 -19.32 2.74
C GLU A 41 -5.10 -17.94 3.34
N LYS A 42 -5.43 -17.78 4.61
CA LYS A 42 -5.05 -16.59 5.36
C LYS A 42 -3.90 -16.91 6.31
N LYS A 43 -2.76 -16.27 6.12
CA LYS A 43 -1.65 -16.48 7.05
C LYS A 43 -1.53 -15.36 8.06
N GLU A 44 -1.47 -15.75 9.33
CA GLU A 44 -1.33 -14.83 10.44
C GLU A 44 -0.19 -15.30 11.34
N GLY A 45 0.56 -14.36 11.87
CA GLY A 45 1.66 -14.73 12.75
C GLY A 45 1.79 -13.72 13.86
N VAL A 46 2.59 -14.06 14.86
CA VAL A 46 2.71 -13.22 16.05
C VAL A 46 4.17 -13.12 16.45
N PHE A 47 4.57 -11.93 16.86
CA PHE A 47 5.88 -11.75 17.46
C PHE A 47 5.82 -10.64 18.49
N THR A 48 6.68 -10.71 19.50
CA THR A 48 6.71 -9.69 20.53
C THR A 48 7.89 -8.77 20.33
N TYR A 49 7.72 -7.53 20.76
CA TYR A 49 8.78 -6.56 20.69
C TYR A 49 8.62 -5.57 21.84
N LYS A 50 9.62 -5.53 22.71
CA LYS A 50 9.59 -4.65 23.87
C LYS A 50 8.23 -4.62 24.57
N GLY A 51 7.62 -5.79 24.77
CA GLY A 51 6.36 -5.86 25.49
C GLY A 51 5.12 -5.47 24.70
N TYR A 52 5.33 -5.12 23.43
CA TYR A 52 4.22 -4.96 22.51
C TYR A 52 4.02 -6.31 21.87
N THR A 53 2.80 -6.64 21.48
CA THR A 53 2.58 -7.87 20.75
C THR A 53 1.99 -7.57 19.37
N ILE A 54 2.71 -7.98 18.33
CA ILE A 54 2.33 -7.66 16.96
C ILE A 54 1.66 -8.83 16.28
N ASN A 55 0.45 -8.62 15.79
CA ASN A 55 -0.24 -9.63 14.99
C ASN A 55 -0.03 -9.30 13.53
N LEU A 56 0.55 -10.22 12.78
CA LEU A 56 0.98 -9.94 11.42
C LEU A 56 0.13 -10.72 10.45
N ILE A 57 -0.56 -10.04 9.56
CA ILE A 57 -1.33 -10.75 8.54
CA ILE A 57 -1.33 -10.73 8.53
C ILE A 57 -0.62 -10.57 7.20
N ASP A 58 -0.36 -11.69 6.52
CA ASP A 58 0.20 -11.65 5.18
C ASP A 58 -0.95 -11.61 4.16
N LEU A 59 -1.05 -10.52 3.39
CA LEU A 59 -2.11 -10.41 2.38
C LEU A 59 -1.74 -11.13 1.09
N PRO A 60 -2.75 -11.60 0.34
CA PRO A 60 -2.44 -12.17 -0.96
C PRO A 60 -1.60 -11.19 -1.79
N GLY A 61 -0.66 -11.69 -2.58
CA GLY A 61 0.10 -10.84 -3.46
C GLY A 61 -0.80 -10.10 -4.43
N THR A 62 -0.50 -8.84 -4.73
CA THR A 62 -1.28 -8.05 -5.69
C THR A 62 -0.37 -7.18 -6.55
N TYR A 63 -0.40 -7.34 -7.88
CA TYR A 63 0.38 -6.40 -8.71
C TYR A 63 -0.18 -4.99 -8.57
N SER A 64 -1.50 -4.89 -8.56
CA SER A 64 -2.16 -3.60 -8.31
C SER A 64 -3.42 -3.83 -7.50
N LEU A 65 -4.03 -2.75 -7.05
CA LEU A 65 -5.17 -2.87 -6.17
C LEU A 65 -6.43 -2.49 -6.89
N GLY A 66 -6.76 -3.26 -7.94
CA GLY A 66 -8.05 -3.13 -8.60
C GLY A 66 -9.05 -3.91 -7.79
N TYR A 67 -10.07 -4.42 -8.46
CA TYR A 67 -11.11 -5.14 -7.75
C TYR A 67 -11.76 -6.19 -8.65
N SER A 68 -10.94 -7.00 -9.32
CA SER A 68 -11.44 -8.01 -10.23
C SER A 68 -11.04 -9.44 -9.85
N SER A 69 -9.77 -9.65 -9.51
CA SER A 69 -9.28 -10.97 -9.12
C SER A 69 -9.62 -11.22 -7.65
N ILE A 70 -9.78 -12.48 -7.27
CA ILE A 70 -10.13 -12.73 -5.86
C ILE A 70 -9.02 -12.28 -4.91
N ASP A 71 -7.77 -12.41 -5.34
CA ASP A 71 -6.67 -11.96 -4.48
C ASP A 71 -6.71 -10.46 -4.25
N GLU A 72 -7.01 -9.68 -5.28
CA GLU A 72 -7.00 -8.24 -5.08
C GLU A 72 -8.25 -7.80 -4.30
N LYS A 73 -9.36 -8.51 -4.47
CA LYS A 73 -10.55 -8.23 -3.66
C LYS A 73 -10.25 -8.44 -2.18
N ILE A 74 -9.66 -9.59 -1.86
CA ILE A 74 -9.32 -9.91 -0.47
C ILE A 74 -8.40 -8.87 0.13
N ALA A 75 -7.30 -8.59 -0.57
CA ALA A 75 -6.27 -7.69 -0.07
C ALA A 75 -6.84 -6.28 0.04
N ARG A 76 -7.54 -5.83 -0.99
CA ARG A 76 -8.02 -4.47 -0.95
C ARG A 76 -9.12 -4.27 0.08
N ASP A 77 -10.02 -5.25 0.21
CA ASP A 77 -11.07 -5.16 1.22
C ASP A 77 -10.47 -5.04 2.62
N TYR A 78 -9.43 -5.84 2.89
CA TYR A 78 -8.74 -5.74 4.15
C TYR A 78 -8.10 -4.35 4.36
N LEU A 79 -7.41 -3.85 3.34
CA LEU A 79 -6.72 -2.57 3.43
C LEU A 79 -7.67 -1.44 3.69
N LEU A 80 -8.84 -1.49 3.05
CA LEU A 80 -9.79 -0.39 3.12
C LEU A 80 -10.80 -0.53 4.25
N LYS A 81 -11.21 -1.76 4.53
CA LYS A 81 -12.29 -2.01 5.46
C LYS A 81 -11.86 -2.78 6.73
N GLY A 82 -10.64 -3.29 6.74
CA GLY A 82 -10.15 -4.09 7.86
C GLY A 82 -9.66 -3.28 9.05
N ASP A 83 -9.04 -3.97 10.00
CA ASP A 83 -8.71 -3.39 11.30
C ASP A 83 -7.21 -3.20 11.58
N ALA A 84 -6.39 -3.20 10.54
CA ALA A 84 -4.94 -3.11 10.74
C ALA A 84 -4.58 -1.72 11.23
N ASP A 85 -3.60 -1.63 12.13
CA ASP A 85 -3.14 -0.34 12.64
C ASP A 85 -2.17 0.28 11.66
N LEU A 86 -1.43 -0.56 10.95
CA LEU A 86 -0.60 -0.06 9.87
C LEU A 86 -0.27 -1.17 8.90
N VAL A 87 0.25 -0.77 7.75
CA VAL A 87 0.58 -1.73 6.71
CA VAL A 87 0.57 -1.70 6.68
C VAL A 87 2.06 -1.63 6.37
N ILE A 88 2.66 -2.77 6.08
CA ILE A 88 4.03 -2.79 5.58
C ILE A 88 3.94 -3.10 4.09
N LEU A 89 4.37 -2.17 3.26
CA LEU A 89 4.43 -2.44 1.82
C LEU A 89 5.80 -3.06 1.55
N VAL A 90 5.81 -4.33 1.17
CA VAL A 90 7.04 -5.04 0.89
C VAL A 90 7.42 -4.87 -0.58
N ALA A 91 8.55 -4.23 -0.84
CA ALA A 91 8.97 -3.92 -2.20
C ALA A 91 10.26 -4.65 -2.62
N ASP A 92 10.35 -5.04 -3.88
CA ASP A 92 11.57 -5.63 -4.44
C ASP A 92 12.56 -4.50 -4.69
N SER A 93 13.65 -4.43 -3.92
CA SER A 93 14.60 -3.34 -4.06
CA SER A 93 14.59 -3.33 -4.07
C SER A 93 15.24 -3.29 -5.45
N VAL A 94 15.41 -4.46 -6.05
CA VAL A 94 16.10 -4.59 -7.33
C VAL A 94 15.30 -4.07 -8.53
N ASN A 95 14.00 -4.35 -8.54
CA ASN A 95 13.14 -3.81 -9.59
C ASN A 95 11.90 -3.20 -8.94
N PRO A 96 12.06 -1.96 -8.44
CA PRO A 96 11.13 -1.35 -7.50
C PRO A 96 9.89 -0.70 -8.13
N GLU A 97 9.86 -0.58 -9.45
CA GLU A 97 8.83 0.22 -10.13
C GLU A 97 7.41 -0.20 -9.79
N GLN A 98 7.07 -1.47 -9.95
CA GLN A 98 5.69 -1.89 -9.73
C GLN A 98 5.33 -1.83 -8.25
N SER A 99 6.30 -2.16 -7.39
CA SER A 99 6.10 -2.04 -5.95
C SER A 99 5.75 -0.60 -5.55
N LEU A 100 6.48 0.38 -6.07
CA LEU A 100 6.21 1.79 -5.74
C LEU A 100 4.86 2.30 -6.29
N TYR A 101 4.45 1.76 -7.42
CA TYR A 101 3.14 2.10 -7.96
C TYR A 101 2.06 1.60 -7.00
N LEU A 102 2.21 0.36 -6.54
CA LEU A 102 1.31 -0.23 -5.54
C LEU A 102 1.29 0.59 -4.25
N LEU A 103 2.46 1.03 -3.81
CA LEU A 103 2.54 1.92 -2.64
C LEU A 103 1.71 3.20 -2.82
N LEU A 104 1.84 3.87 -3.96
CA LEU A 104 1.08 5.10 -4.18
C LEU A 104 -0.41 4.84 -4.05
N GLU A 105 -0.87 3.69 -4.54
CA GLU A 105 -2.28 3.32 -4.41
C GLU A 105 -2.68 3.26 -2.95
N ILE A 106 -1.83 2.67 -2.12
CA ILE A 106 -2.14 2.56 -0.69
CA ILE A 106 -2.13 2.57 -0.69
C ILE A 106 -2.11 3.93 -0.02
N LEU A 107 -1.14 4.76 -0.40
CA LEU A 107 -1.01 6.10 0.18
C LEU A 107 -2.25 6.95 -0.13
N GLU A 108 -2.85 6.75 -1.30
CA GLU A 108 -4.05 7.49 -1.65
C GLU A 108 -5.27 7.06 -0.84
N MET A 109 -5.24 5.84 -0.31
CA MET A 109 -6.27 5.37 0.61
C MET A 109 -6.18 6.09 1.94
N GLU A 110 -5.05 6.75 2.18
CA GLU A 110 -4.78 7.36 3.46
C GLU A 110 -4.64 6.36 4.61
N LYS A 111 -3.85 5.31 4.40
CA LYS A 111 -3.53 4.38 5.48
C LYS A 111 -2.08 4.59 5.91
N LYS A 112 -1.77 4.28 7.18
CA LYS A 112 -0.40 4.33 7.66
C LYS A 112 0.40 3.17 7.09
N VAL A 113 1.56 3.47 6.49
CA VAL A 113 2.35 2.45 5.83
CA VAL A 113 2.35 2.45 5.81
C VAL A 113 3.84 2.63 6.10
N ILE A 114 4.53 1.51 6.26
CA ILE A 114 5.98 1.48 6.31
C ILE A 114 6.45 0.79 5.01
N LEU A 115 7.40 1.41 4.31
CA LEU A 115 7.99 0.78 3.14
C LEU A 115 9.16 -0.10 3.55
N ALA A 116 9.05 -1.40 3.27
CA ALA A 116 10.14 -2.34 3.48
C ALA A 116 10.75 -2.68 2.13
N MET A 117 11.93 -2.12 1.84
CA MET A 117 12.63 -2.46 0.61
C MET A 117 13.42 -3.72 0.85
N THR A 118 12.89 -4.86 0.43
CA THR A 118 13.53 -6.12 0.76
C THR A 118 14.50 -6.58 -0.34
N ALA A 119 15.13 -7.73 -0.14
CA ALA A 119 16.20 -8.19 -1.03
C ALA A 119 17.29 -7.13 -1.22
N ILE A 120 17.53 -6.33 -0.19
CA ILE A 120 18.54 -5.28 -0.28
C ILE A 120 19.94 -5.88 -0.51
N ASP A 121 20.11 -7.16 -0.19
CA ASP A 121 21.39 -7.83 -0.40
C ASP A 121 21.67 -8.01 -1.89
N GLU A 122 20.60 -8.18 -2.68
CA GLU A 122 20.76 -8.37 -4.11
C GLU A 122 21.00 -6.99 -4.76
N ALA A 123 20.40 -5.96 -4.18
CA ALA A 123 20.67 -4.59 -4.63
C ALA A 123 22.14 -4.26 -4.43
N LYS A 124 22.67 -4.47 -3.23
CA LYS A 124 24.08 -4.21 -2.97
C LYS A 124 24.97 -5.01 -3.92
N LYS A 125 24.69 -6.31 -4.00
CA LYS A 125 25.47 -7.22 -4.85
C LYS A 125 25.55 -6.74 -6.29
N THR A 126 24.44 -6.20 -6.79
CA THR A 126 24.39 -5.78 -8.19
C THR A 126 24.85 -4.34 -8.38
N GLY A 127 25.40 -3.75 -7.33
CA GLY A 127 26.02 -2.44 -7.44
C GLY A 127 25.08 -1.26 -7.30
N MET A 128 23.84 -1.53 -6.91
CA MET A 128 22.83 -0.49 -6.78
C MET A 128 23.07 0.42 -5.57
N LYS A 129 22.77 1.70 -5.75
CA LYS A 129 22.89 2.68 -4.68
C LYS A 129 21.54 3.31 -4.37
N ILE A 130 20.95 2.93 -3.25
CA ILE A 130 19.62 3.40 -2.91
C ILE A 130 19.64 4.32 -1.68
N ASP A 131 19.23 5.56 -1.89
CA ASP A 131 19.23 6.56 -0.83
C ASP A 131 17.94 6.48 -0.02
N ARG A 132 18.03 5.90 1.18
CA ARG A 132 16.85 5.69 2.01
C ARG A 132 16.16 7.00 2.39
N TYR A 133 16.93 8.05 2.61
CA TYR A 133 16.33 9.31 3.02
C TYR A 133 15.65 10.05 1.87
N GLU A 134 16.12 9.81 0.64
CA GLU A 134 15.46 10.37 -0.54
C GLU A 134 14.10 9.71 -0.73
N LEU A 135 14.05 8.41 -0.44
CA LEU A 135 12.79 7.65 -0.49
CA LEU A 135 12.78 7.68 -0.51
C LEU A 135 11.78 8.21 0.53
N GLN A 136 12.24 8.41 1.77
CA GLN A 136 11.32 8.92 2.79
C GLN A 136 10.82 10.31 2.40
N LYS A 137 11.68 11.09 1.76
CA LYS A 137 11.34 12.44 1.35
C LYS A 137 10.23 12.49 0.29
N HIS A 138 10.34 11.65 -0.74
CA HIS A 138 9.37 11.64 -1.82
C HIS A 138 8.11 10.84 -1.51
N LEU A 139 8.19 9.97 -0.50
CA LEU A 139 7.06 9.11 -0.20
C LEU A 139 6.37 9.52 1.09
N GLY A 140 7.11 10.19 1.96
CA GLY A 140 6.56 10.71 3.20
C GLY A 140 6.28 9.69 4.30
N ILE A 141 6.92 8.52 4.22
CA ILE A 141 6.74 7.46 5.20
C ILE A 141 8.08 6.85 5.63
N PRO A 142 8.07 6.08 6.72
CA PRO A 142 9.30 5.39 7.15
C PRO A 142 9.70 4.33 6.12
N VAL A 143 11.00 4.27 5.82
CA VAL A 143 11.55 3.28 4.90
C VAL A 143 12.59 2.44 5.63
N VAL A 144 12.51 1.13 5.47
CA VAL A 144 13.49 0.23 6.07
C VAL A 144 14.03 -0.73 5.01
N PHE A 145 15.36 -0.84 4.94
CA PHE A 145 15.95 -1.79 4.00
C PHE A 145 16.05 -3.14 4.70
N THR A 146 15.48 -4.17 4.08
CA THR A 146 15.48 -5.51 4.67
C THR A 146 16.07 -6.59 3.75
N SER A 147 16.55 -7.67 4.37
CA SER A 147 16.96 -8.87 3.64
C SER A 147 16.63 -10.11 4.46
N SER A 148 15.89 -11.03 3.87
CA SER A 148 15.59 -12.30 4.54
C SER A 148 16.78 -13.23 4.42
N VAL A 149 17.69 -12.89 3.52
CA VAL A 149 18.91 -13.68 3.29
C VAL A 149 19.96 -13.36 4.35
N THR A 150 20.16 -12.07 4.61
CA THR A 150 21.23 -11.64 5.51
C THR A 150 20.71 -11.24 6.89
N GLY A 151 19.42 -10.99 7.00
CA GLY A 151 18.84 -10.57 8.26
C GLY A 151 18.85 -9.06 8.41
N GLU A 152 19.47 -8.37 7.47
CA GLU A 152 19.50 -6.92 7.52
C GLU A 152 18.10 -6.34 7.72
N GLY A 153 17.99 -5.40 8.66
CA GLY A 153 16.80 -4.59 8.82
C GLY A 153 15.62 -5.22 9.55
N LEU A 154 15.67 -6.52 9.82
CA LEU A 154 14.54 -7.22 10.40
C LEU A 154 14.19 -6.61 11.75
N GLU A 155 15.21 -6.43 12.60
CA GLU A 155 14.98 -5.90 13.93
C GLU A 155 14.54 -4.45 13.88
N GLU A 156 15.18 -3.67 13.00
CA GLU A 156 14.81 -2.27 12.88
CA GLU A 156 14.82 -2.27 12.82
C GLU A 156 13.37 -2.13 12.37
N LEU A 157 12.94 -3.05 11.52
CA LEU A 157 11.57 -3.05 11.05
C LEU A 157 10.62 -3.27 12.22
N LYS A 158 11.00 -4.16 13.13
CA LYS A 158 10.16 -4.41 14.30
C LYS A 158 10.07 -3.17 15.18
N GLU A 159 11.21 -2.51 15.35
CA GLU A 159 11.25 -1.27 16.12
C GLU A 159 10.35 -0.23 15.47
N LYS A 160 10.48 -0.12 14.14
CA LYS A 160 9.71 0.87 13.40
C LYS A 160 8.21 0.60 13.50
N ILE A 161 7.82 -0.67 13.45
CA ILE A 161 6.42 -1.05 13.64
C ILE A 161 5.82 -0.51 14.93
N VAL A 162 6.48 -0.72 16.06
CA VAL A 162 5.96 -0.24 17.34
CA VAL A 162 6.00 -0.25 17.36
C VAL A 162 6.08 1.28 17.45
N GLU A 163 7.17 1.82 16.90
CA GLU A 163 7.44 3.24 17.03
C GLU A 163 6.45 4.06 16.23
N TYR A 164 6.25 3.65 14.98
CA TYR A 164 5.41 4.37 14.05
C TYR A 164 3.93 4.12 14.36
N ALA A 165 3.64 2.98 14.99
CA ALA A 165 2.29 2.70 15.43
C ALA A 165 1.90 3.64 16.59
N GLN A 166 2.91 4.03 17.37
CA GLN A 166 2.71 4.92 18.51
C GLN A 166 2.78 6.40 18.11
N LYS A 167 3.29 6.67 16.90
CA LYS A 167 3.35 8.03 16.38
C LYS A 167 2.08 8.40 15.61
N ASN A 168 1.15 9.01 16.31
CA ASN A 168 -0.14 9.37 15.74
C ASN A 168 -0.35 10.88 15.73
N THR A 169 0.66 11.62 16.18
CA THR A 169 0.58 13.08 16.19
C THR A 169 0.86 13.65 14.78
N ILE A 170 1.93 13.19 14.15
CA ILE A 170 2.28 13.67 12.81
C ILE A 170 1.76 12.71 11.73
N LEU A 171 0.87 13.20 10.88
CA LEU A 171 0.25 12.40 9.83
C LEU A 171 0.89 12.62 8.46
N HIS A 172 0.74 11.62 7.61
CA HIS A 172 1.23 11.63 6.23
C HIS A 172 0.10 12.05 5.33
N ARG A 173 0.38 12.91 4.35
CA ARG A 173 -0.64 13.19 3.34
C ARG A 173 -0.07 13.19 1.94
N MET A 174 -0.57 12.30 1.09
CA MET A 174 -0.23 12.36 -0.34
C MET A 174 -1.38 12.95 -1.15
N ILE A 175 -1.05 13.92 -1.99
CA ILE A 175 -1.97 14.38 -3.03
C ILE A 175 -1.21 14.52 -4.34
N LEU A 176 -1.36 13.52 -5.21
CA LEU A 176 -0.71 13.56 -6.50
C LEU A 176 -1.56 14.42 -7.43
N ASP A 177 -0.96 15.48 -7.98
CA ASP A 177 -1.67 16.39 -8.87
C ASP A 177 -1.90 15.71 -10.22
N TYR A 178 -3.15 15.56 -10.62
CA TYR A 178 -3.46 14.82 -11.85
C TYR A 178 -3.76 15.73 -13.05
N GLY A 179 -3.48 17.03 -12.90
CA GLY A 179 -3.72 17.99 -13.96
C GLY A 179 -5.03 18.71 -13.76
N GLU A 180 -5.18 19.86 -14.43
CA GLU A 180 -6.36 20.70 -14.22
C GLU A 180 -7.67 19.93 -14.43
N LYS A 181 -7.72 19.16 -15.51
CA LYS A 181 -8.95 18.49 -15.90
C LYS A 181 -9.38 17.43 -14.89
N VAL A 182 -8.53 16.46 -14.62
CA VAL A 182 -8.87 15.42 -13.66
C VAL A 182 -9.11 16.01 -12.26
N GLU A 183 -8.35 17.04 -11.89
CA GLU A 183 -8.56 17.64 -10.58
C GLU A 183 -9.93 18.33 -10.48
N SER A 184 -10.39 18.92 -11.58
CA SER A 184 -11.71 19.55 -11.61
CA SER A 184 -11.70 19.56 -11.57
C SER A 184 -12.81 18.53 -11.37
N GLU A 185 -12.67 17.38 -12.03
CA GLU A 185 -13.66 16.30 -11.91
C GLU A 185 -13.65 15.69 -10.52
N ILE A 186 -12.47 15.60 -9.92
CA ILE A 186 -12.35 15.12 -8.56
C ILE A 186 -13.08 16.08 -7.62
N LYS A 187 -12.90 17.38 -7.85
CA LYS A 187 -13.58 18.41 -7.08
C LYS A 187 -15.11 18.27 -7.20
N LYS A 188 -15.60 18.10 -8.42
CA LYS A 188 -17.01 17.84 -8.65
C LYS A 188 -17.53 16.67 -7.82
N VAL A 189 -16.77 15.58 -7.82
CA VAL A 189 -17.19 14.36 -7.14
C VAL A 189 -17.15 14.52 -5.62
N GLU A 190 -16.13 15.18 -5.12
CA GLU A 190 -16.02 15.40 -3.69
C GLU A 190 -17.13 16.33 -3.20
N ASN A 191 -17.46 17.33 -4.01
CA ASN A 191 -18.53 18.25 -3.64
C ASN A 191 -19.88 17.54 -3.62
N PHE A 192 -20.02 16.54 -4.48
CA PHE A 192 -21.24 15.76 -4.57
C PHE A 192 -21.39 14.79 -3.39
N LEU A 193 -20.26 14.26 -2.92
CA LEU A 193 -20.27 13.29 -1.82
C LEU A 193 -20.06 13.98 -0.47
N ARG A 194 -19.96 15.31 -0.49
CA ARG A 194 -19.63 16.07 0.71
C ARG A 194 -20.52 15.75 1.92
N ASP A 195 -21.80 15.53 1.66
CA ASP A 195 -22.75 15.28 2.75
C ASP A 195 -23.11 13.80 2.88
N LYS A 196 -22.32 12.93 2.26
CA LYS A 196 -22.53 11.49 2.38
C LYS A 196 -21.70 10.90 3.52
N LYS A 197 -21.94 9.63 3.81
CA LYS A 197 -21.21 8.96 4.88
C LYS A 197 -20.21 7.95 4.29
N LEU A 198 -19.23 8.45 3.54
CA LEU A 198 -18.22 7.60 2.92
C LEU A 198 -17.27 7.00 3.95
N ARG A 199 -17.25 5.67 4.02
CA ARG A 199 -16.31 4.99 4.90
C ARG A 199 -14.95 4.89 4.23
N ILE A 200 -14.74 5.72 3.20
CA ILE A 200 -13.49 5.76 2.45
CA ILE A 200 -13.43 5.79 2.57
C ILE A 200 -13.10 7.22 2.18
N ASN A 201 -11.80 7.48 2.05
CA ASN A 201 -11.32 8.79 1.60
C ASN A 201 -12.01 9.24 0.30
N PRO A 202 -12.70 10.39 0.31
CA PRO A 202 -13.42 10.89 -0.88
C PRO A 202 -12.54 11.13 -2.13
N ARG A 203 -11.29 11.57 -1.96
CA ARG A 203 -10.41 11.76 -3.11
C ARG A 203 -10.11 10.40 -3.74
N TYR A 204 -9.82 9.41 -2.90
CA TYR A 204 -9.62 8.05 -3.37
C TYR A 204 -10.88 7.51 -4.04
N PHE A 205 -12.02 7.70 -3.39
CA PHE A 205 -13.31 7.31 -3.96
C PHE A 205 -13.47 7.89 -5.37
N ALA A 206 -13.21 9.20 -5.51
CA ALA A 206 -13.40 9.90 -6.78
C ALA A 206 -12.51 9.36 -7.90
N LEU A 207 -11.25 9.09 -7.56
CA LEU A 207 -10.27 8.54 -8.48
C LEU A 207 -10.70 7.18 -9.03
N LYS A 208 -11.14 6.28 -8.16
CA LYS A 208 -11.57 4.95 -8.61
C LYS A 208 -12.87 5.03 -9.43
N TYR A 209 -13.74 5.95 -9.04
CA TYR A 209 -15.00 6.17 -9.75
C TYR A 209 -14.74 6.63 -11.18
N LEU A 210 -13.95 7.70 -11.32
CA LEU A 210 -13.62 8.24 -12.64
C LEU A 210 -12.97 7.18 -13.51
N SER A 211 -12.08 6.37 -12.93
CA SER A 211 -11.36 5.39 -13.74
C SER A 211 -12.05 4.02 -13.86
N GLY A 212 -13.32 3.97 -13.48
CA GLY A 212 -14.12 2.78 -13.74
C GLY A 212 -13.81 1.56 -12.89
N ASP A 213 -13.28 1.76 -11.69
CA ASP A 213 -13.10 0.66 -10.74
C ASP A 213 -14.42 -0.08 -10.52
N PRO A 214 -14.39 -1.42 -10.58
CA PRO A 214 -15.62 -2.24 -10.43
C PRO A 214 -16.43 -1.89 -9.19
N GLU A 215 -15.76 -1.65 -8.07
CA GLU A 215 -16.45 -1.34 -6.83
C GLU A 215 -16.94 0.11 -6.83
N PHE A 216 -16.02 1.04 -7.04
CA PHE A 216 -16.32 2.42 -6.80
C PHE A 216 -17.06 3.14 -7.93
N TYR A 217 -16.79 2.77 -9.18
CA TYR A 217 -17.59 3.33 -10.26
C TYR A 217 -19.05 2.97 -10.01
N SER A 218 -19.29 1.71 -9.70
CA SER A 218 -20.63 1.20 -9.44
C SER A 218 -21.29 1.90 -8.24
N GLU A 219 -20.53 2.10 -7.18
CA GLU A 219 -21.05 2.74 -5.98
C GLU A 219 -21.31 4.22 -6.24
N GLY A 220 -20.43 4.84 -7.01
CA GLY A 220 -20.53 6.26 -7.31
C GLY A 220 -21.82 6.55 -8.05
N VAL A 221 -22.11 5.70 -9.04
CA VAL A 221 -23.33 5.80 -9.81
C VAL A 221 -24.53 5.60 -8.89
N LYS A 222 -24.43 4.61 -8.00
CA LYS A 222 -25.47 4.36 -6.99
C LYS A 222 -25.81 5.64 -6.22
N LEU A 223 -24.76 6.29 -5.70
CA LEU A 223 -24.91 7.53 -4.93
C LEU A 223 -25.37 8.72 -5.78
N GLY A 224 -25.50 8.53 -7.09
CA GLY A 224 -26.11 9.55 -7.94
C GLY A 224 -25.17 10.30 -8.87
N LEU A 225 -23.91 9.87 -8.91
CA LEU A 225 -22.94 10.45 -9.83
C LEU A 225 -23.28 10.02 -11.24
N PRO A 226 -22.87 10.83 -12.23
CA PRO A 226 -23.16 10.56 -13.65
C PRO A 226 -22.53 9.25 -14.14
N GLU A 227 -23.19 8.58 -15.07
CA GLU A 227 -22.57 7.42 -15.70
C GLU A 227 -21.48 7.93 -16.63
N LEU A 228 -20.45 7.11 -16.82
CA LEU A 228 -19.34 7.46 -17.69
C LEU A 228 -19.27 6.47 -18.84
N SER A 229 -18.98 6.96 -20.04
CA SER A 229 -18.79 6.08 -21.19
C SER A 229 -17.56 5.21 -20.97
N GLU A 230 -17.44 4.17 -21.79
CA GLU A 230 -16.25 3.31 -21.78
C GLU A 230 -15.01 4.15 -22.09
N GLU A 231 -15.16 5.08 -23.04
CA GLU A 231 -14.06 5.95 -23.41
C GLU A 231 -13.63 6.89 -22.28
N GLU A 232 -14.60 7.36 -21.51
CA GLU A 232 -14.29 8.27 -20.41
C GLU A 232 -13.54 7.52 -19.32
N ARG A 233 -14.02 6.33 -18.98
CA ARG A 233 -13.35 5.53 -17.94
C ARG A 233 -11.95 5.11 -18.35
N ILE A 234 -11.83 4.64 -19.59
CA ILE A 234 -10.52 4.28 -20.14
C ILE A 234 -9.57 5.47 -20.09
N GLY A 235 -10.07 6.64 -20.46
CA GLY A 235 -9.27 7.86 -20.47
C GLY A 235 -8.84 8.35 -19.09
N TYR A 236 -9.76 8.37 -18.14
CA TYR A 236 -9.39 8.73 -16.77
C TYR A 236 -8.38 7.75 -16.21
N ARG A 237 -8.63 6.47 -16.43
CA ARG A 237 -7.76 5.43 -15.91
C ARG A 237 -6.33 5.63 -16.43
N LEU A 238 -6.24 5.96 -17.72
CA LEU A 238 -4.94 6.13 -18.38
CA LEU A 238 -4.95 6.14 -18.39
C LEU A 238 -4.18 7.33 -17.82
N LEU A 239 -4.88 8.47 -17.70
CA LEU A 239 -4.29 9.69 -17.19
C LEU A 239 -3.77 9.50 -15.76
N ILE A 240 -4.56 8.82 -14.94
CA ILE A 240 -4.20 8.59 -13.54
C ILE A 240 -2.99 7.67 -13.44
N ALA A 241 -3.02 6.58 -14.20
CA ALA A 241 -1.90 5.66 -14.27
C ALA A 241 -0.62 6.36 -14.75
N LYS A 242 -0.74 7.15 -15.80
CA LYS A 242 0.42 7.85 -16.37
C LYS A 242 1.05 8.77 -15.33
N ARG A 243 0.22 9.50 -14.59
CA ARG A 243 0.73 10.42 -13.57
C ARG A 243 1.46 9.68 -12.45
N LYS A 244 0.89 8.56 -12.01
CA LYS A 244 1.55 7.72 -11.01
C LYS A 244 2.88 7.20 -11.56
N ARG A 245 2.88 6.73 -12.81
CA ARG A 245 4.12 6.21 -13.37
C ARG A 245 5.19 7.31 -13.40
N GLU A 246 4.79 8.52 -13.80
CA GLU A 246 5.70 9.64 -13.86
C GLU A 246 6.29 9.96 -12.47
N TYR A 247 5.44 9.97 -11.45
CA TYR A 247 5.92 10.22 -10.10
C TYR A 247 6.95 9.16 -9.67
N VAL A 248 6.62 7.90 -9.93
CA VAL A 248 7.50 6.79 -9.56
C VAL A 248 8.85 6.88 -10.26
N GLU A 249 8.83 7.23 -11.55
CA GLU A 249 10.05 7.41 -12.33
C GLU A 249 10.90 8.54 -11.75
N ASN A 250 10.25 9.60 -11.28
CA ASN A 250 11.00 10.66 -10.62
C ASN A 250 11.59 10.21 -9.28
N VAL A 251 10.83 9.42 -8.52
CA VAL A 251 11.35 8.89 -7.24
C VAL A 251 12.59 8.05 -7.51
N VAL A 252 12.51 7.17 -8.50
CA VAL A 252 13.62 6.28 -8.78
C VAL A 252 14.83 7.08 -9.24
N LYS A 253 14.60 8.06 -10.09
CA LYS A 253 15.63 8.98 -10.57
C LYS A 253 16.39 9.62 -9.40
N GLU A 254 15.65 10.09 -8.40
CA GLU A 254 16.25 10.81 -7.29
C GLU A 254 16.90 9.91 -6.25
N ALA A 255 16.34 8.71 -6.03
CA ALA A 255 16.79 7.87 -4.91
C ALA A 255 17.70 6.71 -5.28
N PHE A 256 17.74 6.36 -6.57
CA PHE A 256 18.53 5.21 -7.05
C PHE A 256 19.70 5.65 -7.92
N ALA A 257 20.90 5.19 -7.61
CA ALA A 257 22.09 5.55 -8.38
C ALA A 257 22.86 4.31 -8.82
PB GDP B . 6.51 -13.88 -2.10
O1B GDP B . 5.79 -14.47 -0.91
O2B GDP B . 5.94 -14.48 -3.37
O3B GDP B . 6.28 -12.40 -2.13
O3A GDP B . 8.11 -14.07 -2.11
PA GDP B . 9.01 -15.24 -1.45
O1A GDP B . 8.46 -16.62 -1.70
O2A GDP B . 9.17 -14.98 0.05
O5' GDP B . 10.37 -14.96 -2.20
C5' GDP B . 10.43 -15.05 -3.63
C4' GDP B . 11.85 -15.35 -4.05
O4' GDP B . 12.74 -14.31 -3.62
C3' GDP B . 12.33 -16.62 -3.40
O3' GDP B . 13.15 -17.28 -4.35
C2' GDP B . 13.26 -16.18 -2.28
O2' GDP B . 14.31 -17.12 -2.12
C1' GDP B . 13.78 -14.85 -2.78
N9 GDP B . 14.02 -13.89 -1.67
C8 GDP B . 13.14 -13.54 -0.71
N7 GDP B . 13.66 -12.60 0.12
C5 GDP B . 14.89 -12.32 -0.34
C6 GDP B . 15.99 -11.43 0.07
O6 GDP B . 15.82 -10.69 1.05
N1 GDP B . 17.11 -11.43 -0.66
C2 GDP B . 17.27 -12.22 -1.75
N2 GDP B . 18.44 -12.16 -2.45
N3 GDP B . 16.30 -13.07 -2.18
C4 GDP B . 15.11 -13.16 -1.53
#